data_8FAQ
#
_entry.id   8FAQ
#
_cell.length_a   99.705
_cell.length_b   99.705
_cell.length_c   395.310
_cell.angle_alpha   90.000
_cell.angle_beta   90.000
_cell.angle_gamma   120.000
#
_symmetry.space_group_name_H-M   'H 3 2'
#
loop_
_entity.id
_entity.type
_entity.pdbx_description
1 polymer Hemagglutinin
2 branched 2-acetamido-2-deoxy-beta-D-glucopyranose-(1-4)-2-acetamido-2-deoxy-beta-D-glucopyranose
3 non-polymer 2-acetamido-2-deoxy-beta-D-glucopyranose
4 water water
#
_entity_poly.entity_id   1
_entity_poly.type   'polypeptide(L)'
_entity_poly.pdbx_seq_one_letter_code
;ATLCLGHHAVPNGTIVKTITNDRIEVTNATELVQNSSIGEICDIPHQILDGGNCTLIDALLGDPQCDGFQNKKWDLFVER
SRAYSNCYPYDVPDYASLRSLVASSGTLEFKNESFNWAGVTQNGKSSSCIRGSSSSFFSRLNWLTHLNYTYPALNVTMPN
KEQFDKLYIWGVHHPDTDKNQISLYAQPSGRITVSTKRSQQAVIPNIGSRPRIRDIPSRISIYWTIVKPGDILLINSTGN
LIAPRGYFKIRSGKSSIMRSDAPIGKCKSECITPNGSIPNDKPFQNVNRITYGACPRYVKQSTLKLATGMRNVPEKQTRG
IFGAIAGFIENGWEGMVDGWYGFRHQNSEGRGQAADLKSTQAAIDQINGKLNRLIGKTNEKFHQIEKEFSEVEGRVQDLE
KYVEDTKIDLWSYNAELLVALENQHTIDLTDSEMNKLFEKTKKQLRENAEDMGNGCFKIYHKCDNACIGSIRNETYDHNV
YRDEALNNRFQI
;
_entity_poly.pdbx_strand_id   A
#
loop_
_chem_comp.id
_chem_comp.type
_chem_comp.name
_chem_comp.formula
NAG D-saccharide, beta linking 2-acetamido-2-deoxy-beta-D-glucopyranose 'C8 H15 N O6'
#
# COMPACT_ATOMS: atom_id res chain seq x y z
N ALA A 1 6.05 -9.98 59.81
CA ALA A 1 5.40 -10.10 58.46
C ALA A 1 6.45 -10.09 57.35
N THR A 2 6.08 -10.72 56.22
CA THR A 2 6.83 -10.68 54.97
C THR A 2 5.96 -9.95 53.95
N LEU A 3 6.57 -9.02 53.22
CA LEU A 3 5.90 -8.33 52.12
C LEU A 3 6.79 -8.47 50.88
N CYS A 4 6.33 -9.26 49.91
CA CYS A 4 7.09 -9.53 48.70
C CYS A 4 6.52 -8.70 47.54
N LEU A 5 7.42 -8.14 46.71
CA LEU A 5 7.03 -7.38 45.53
C LEU A 5 7.20 -8.31 44.34
N GLY A 6 6.25 -8.26 43.40
CA GLY A 6 6.37 -9.17 42.28
C GLY A 6 5.64 -8.62 41.06
N HIS A 7 5.62 -9.47 40.00
CA HIS A 7 5.01 -9.13 38.73
C HIS A 7 4.35 -10.38 38.14
N HIS A 8 3.36 -10.17 37.25
CA HIS A 8 2.64 -11.28 36.65
C HIS A 8 3.55 -12.03 35.70
N ALA A 9 3.01 -13.14 35.20
CA ALA A 9 3.62 -13.99 34.20
C ALA A 9 2.48 -14.83 33.64
N VAL A 10 2.75 -15.50 32.51
CA VAL A 10 1.77 -16.32 31.84
C VAL A 10 2.46 -17.64 31.51
N PRO A 11 1.73 -18.77 31.49
CA PRO A 11 2.37 -20.07 31.23
C PRO A 11 3.10 -20.04 29.89
N ASN A 12 2.42 -19.50 28.87
CA ASN A 12 2.81 -19.58 27.47
C ASN A 12 3.08 -18.18 26.92
N GLY A 13 4.34 -17.76 26.82
CA GLY A 13 4.62 -16.40 26.36
C GLY A 13 4.71 -16.31 24.84
N THR A 14 5.12 -15.14 24.32
CA THR A 14 5.46 -15.01 22.91
C THR A 14 6.95 -14.68 22.77
N ILE A 15 7.58 -15.17 21.71
CA ILE A 15 8.97 -14.89 21.41
C ILE A 15 9.04 -13.62 20.56
N VAL A 16 9.94 -12.69 20.94
CA VAL A 16 10.24 -11.50 20.18
C VAL A 16 11.75 -11.35 20.05
N LYS A 17 12.20 -10.46 19.15
CA LYS A 17 13.59 -10.08 19.01
C LYS A 17 13.80 -8.72 19.69
N THR A 18 15.03 -8.53 20.22
CA THR A 18 15.50 -7.27 20.77
C THR A 18 16.85 -6.94 20.16
N ILE A 19 17.51 -5.91 20.67
CA ILE A 19 18.83 -5.48 20.23
C ILE A 19 19.89 -6.51 20.65
N THR A 20 19.70 -7.13 21.81
CA THR A 20 20.69 -8.08 22.31
C THR A 20 20.24 -9.54 22.19
N ASN A 21 19.00 -9.81 21.76
CA ASN A 21 18.50 -11.18 21.79
C ASN A 21 17.62 -11.46 20.58
N ASP A 22 17.91 -12.57 19.92
CA ASP A 22 17.21 -13.04 18.74
C ASP A 22 15.86 -13.62 19.15
N ARG A 23 15.78 -14.13 20.39
CA ARG A 23 14.62 -14.87 20.81
C ARG A 23 14.45 -14.70 22.32
N ILE A 24 13.46 -13.91 22.74
CA ILE A 24 13.22 -13.70 24.16
C ILE A 24 11.71 -13.65 24.35
N GLU A 25 11.26 -14.27 25.46
CA GLU A 25 9.85 -14.46 25.65
C GLU A 25 9.29 -13.32 26.50
N VAL A 26 8.17 -12.77 26.03
CA VAL A 26 7.43 -11.73 26.73
C VAL A 26 6.02 -12.21 26.99
N THR A 27 5.25 -11.46 27.79
CA THR A 27 3.93 -11.94 28.18
C THR A 27 2.96 -11.89 27.01
N ASN A 28 3.29 -11.10 25.98
CA ASN A 28 2.34 -10.77 24.94
C ASN A 28 3.04 -9.92 23.88
N ALA A 29 2.58 -10.05 22.63
CA ALA A 29 3.12 -9.28 21.52
C ALA A 29 2.00 -9.03 20.52
N THR A 30 2.22 -8.08 19.61
CA THR A 30 1.34 -7.86 18.49
C THR A 30 2.17 -7.93 17.20
N GLU A 31 1.54 -8.45 16.14
CA GLU A 31 2.12 -8.60 14.83
C GLU A 31 2.10 -7.24 14.10
N LEU A 32 3.22 -6.86 13.46
CA LEU A 32 3.28 -5.56 12.78
C LEU A 32 3.29 -5.72 11.26
N VAL A 33 3.30 -6.96 10.76
CA VAL A 33 3.30 -7.21 9.33
C VAL A 33 1.98 -7.87 8.93
N GLN A 34 1.19 -7.20 8.07
CA GLN A 34 -0.01 -7.81 7.50
C GLN A 34 0.43 -8.85 6.47
N ASN A 35 0.00 -10.11 6.63
CA ASN A 35 0.50 -11.15 5.75
C ASN A 35 -0.62 -11.84 4.96
N SER A 36 -1.87 -11.43 5.14
CA SER A 36 -2.92 -12.05 4.34
C SER A 36 -3.83 -10.98 3.73
N SER A 37 -4.50 -11.38 2.64
CA SER A 37 -5.59 -10.63 2.03
C SER A 37 -6.89 -11.42 2.17
N ILE A 38 -8.03 -10.72 2.09
CA ILE A 38 -9.32 -11.37 2.03
C ILE A 38 -9.57 -11.97 0.65
N GLY A 39 -8.65 -11.73 -0.29
CA GLY A 39 -8.72 -12.34 -1.62
C GLY A 39 -9.77 -11.73 -2.56
N GLU A 40 -10.40 -10.62 -2.19
CA GLU A 40 -11.28 -9.88 -3.07
C GLU A 40 -10.91 -8.40 -2.99
N ILE A 41 -11.16 -7.66 -4.08
CA ILE A 41 -11.00 -6.21 -4.04
C ILE A 41 -12.32 -5.58 -3.57
N CYS A 42 -12.28 -4.90 -2.43
CA CYS A 42 -13.47 -4.28 -1.86
C CYS A 42 -13.81 -3.04 -2.69
N ASP A 43 -15.11 -2.78 -2.91
CA ASP A 43 -15.53 -1.80 -3.91
C ASP A 43 -15.76 -0.44 -3.28
N ILE A 44 -15.60 -0.34 -1.96
CA ILE A 44 -15.60 0.90 -1.19
C ILE A 44 -14.25 0.96 -0.47
N PRO A 45 -13.60 2.12 -0.30
CA PRO A 45 -14.10 3.43 -0.78
C PRO A 45 -13.64 3.88 -2.16
N HIS A 46 -12.74 3.12 -2.79
CA HIS A 46 -12.23 3.52 -4.10
C HIS A 46 -13.19 3.08 -5.19
N GLN A 47 -13.42 3.94 -6.20
CA GLN A 47 -14.29 3.53 -7.29
C GLN A 47 -13.53 2.63 -8.24
N ILE A 48 -13.96 1.36 -8.30
CA ILE A 48 -13.24 0.34 -9.04
C ILE A 48 -13.88 0.15 -10.41
N LEU A 49 -13.07 0.14 -11.49
CA LEU A 49 -13.61 -0.23 -12.79
C LEU A 49 -12.94 -1.52 -13.25
N ASP A 50 -13.75 -2.58 -13.37
CA ASP A 50 -13.29 -3.87 -13.82
C ASP A 50 -13.19 -3.89 -15.35
N GLY A 51 -11.97 -4.09 -15.86
CA GLY A 51 -11.69 -4.08 -17.28
C GLY A 51 -12.26 -5.29 -18.02
N GLY A 52 -12.54 -6.36 -17.29
CA GLY A 52 -12.97 -7.62 -17.89
C GLY A 52 -11.99 -8.09 -18.95
N ASN A 53 -12.47 -8.18 -20.18
CA ASN A 53 -11.68 -8.67 -21.28
C ASN A 53 -10.91 -7.53 -21.94
N CYS A 54 -11.06 -6.30 -21.42
CA CYS A 54 -10.53 -5.14 -22.12
C CYS A 54 -9.35 -4.54 -21.36
N THR A 55 -8.24 -4.31 -22.07
CA THR A 55 -7.15 -3.46 -21.59
C THR A 55 -7.66 -2.03 -21.59
N LEU A 56 -7.04 -1.17 -20.77
CA LEU A 56 -7.38 0.24 -20.78
C LEU A 56 -7.18 0.83 -22.18
N ILE A 57 -6.06 0.49 -22.84
CA ILE A 57 -5.79 1.06 -24.15
C ILE A 57 -6.88 0.63 -25.17
N ASP A 58 -7.37 -0.63 -25.09
CA ASP A 58 -8.46 -1.05 -25.98
C ASP A 58 -9.77 -0.36 -25.64
N ALA A 59 -10.03 -0.06 -24.35
CA ALA A 59 -11.20 0.72 -24.00
C ALA A 59 -11.09 2.17 -24.53
N LEU A 60 -9.87 2.72 -24.50
CA LEU A 60 -9.58 4.04 -25.05
C LEU A 60 -9.83 4.09 -26.56
N LEU A 61 -9.23 3.17 -27.33
CA LEU A 61 -9.32 3.20 -28.78
C LEU A 61 -10.75 2.92 -29.24
N GLY A 62 -11.46 2.04 -28.52
CA GLY A 62 -12.82 1.64 -28.83
C GLY A 62 -12.89 0.33 -29.62
N ASP A 63 -12.15 -0.69 -29.15
CA ASP A 63 -12.29 -2.06 -29.58
C ASP A 63 -13.76 -2.46 -29.33
N PRO A 64 -14.45 -3.17 -30.25
CA PRO A 64 -15.88 -3.45 -30.12
C PRO A 64 -16.30 -4.09 -28.80
N GLN A 65 -15.46 -4.98 -28.29
CA GLN A 65 -15.64 -5.64 -27.00
C GLN A 65 -15.76 -4.63 -25.86
N CYS A 66 -15.37 -3.36 -26.09
CA CYS A 66 -15.11 -2.40 -25.02
C CYS A 66 -16.06 -1.20 -25.09
N ASP A 67 -17.16 -1.32 -25.85
CA ASP A 67 -18.04 -0.19 -26.07
C ASP A 67 -18.75 0.18 -24.78
N GLY A 68 -18.89 -0.81 -23.89
CA GLY A 68 -19.44 -0.64 -22.55
C GLY A 68 -18.58 0.30 -21.69
N PHE A 69 -17.33 0.62 -22.11
CA PHE A 69 -16.48 1.51 -21.33
C PHE A 69 -16.50 2.97 -21.78
N GLN A 70 -17.28 3.32 -22.81
CA GLN A 70 -17.29 4.69 -23.27
C GLN A 70 -17.54 5.63 -22.10
N ASN A 71 -16.71 6.68 -22.00
CA ASN A 71 -16.89 7.79 -21.08
C ASN A 71 -16.83 7.39 -19.60
N LYS A 72 -16.42 6.16 -19.29
CA LYS A 72 -16.35 5.74 -17.89
C LYS A 72 -15.21 6.46 -17.16
N LYS A 73 -15.37 6.59 -15.83
CA LYS A 73 -14.39 7.15 -14.89
C LYS A 73 -14.01 6.09 -13.85
N TRP A 74 -12.84 6.24 -13.22
CA TRP A 74 -12.45 5.28 -12.20
C TRP A 74 -11.49 5.94 -11.21
N ASP A 75 -11.43 5.34 -10.01
CA ASP A 75 -10.29 5.55 -9.12
C ASP A 75 -9.22 4.52 -9.45
N LEU A 76 -9.63 3.25 -9.54
CA LEU A 76 -8.72 2.20 -9.93
C LEU A 76 -9.32 1.42 -11.07
N PHE A 77 -8.62 1.40 -12.20
CA PHE A 77 -8.94 0.50 -13.27
C PHE A 77 -8.23 -0.82 -13.05
N VAL A 78 -8.99 -1.93 -13.11
CA VAL A 78 -8.42 -3.25 -12.88
C VAL A 78 -8.33 -4.02 -14.20
N GLU A 79 -7.11 -4.30 -14.63
CA GLU A 79 -6.88 -4.99 -15.88
C GLU A 79 -6.69 -6.48 -15.57
N ARG A 80 -7.41 -7.34 -16.29
CA ARG A 80 -7.41 -8.78 -16.03
C ARG A 80 -6.37 -9.42 -16.94
N SER A 81 -5.80 -10.55 -16.49
CA SER A 81 -4.74 -11.16 -17.28
C SER A 81 -5.28 -11.85 -18.54
N ARG A 82 -6.60 -12.09 -18.59
CA ARG A 82 -7.26 -12.70 -19.74
C ARG A 82 -7.60 -11.65 -20.80
N ALA A 83 -7.37 -10.36 -20.53
CA ALA A 83 -7.79 -9.37 -21.51
C ALA A 83 -7.05 -9.62 -22.83
N TYR A 84 -7.74 -9.36 -23.96
CA TYR A 84 -7.17 -9.59 -25.28
C TYR A 84 -7.75 -8.58 -26.27
N SER A 85 -6.94 -8.25 -27.28
CA SER A 85 -7.30 -7.28 -28.30
C SER A 85 -8.06 -8.02 -29.39
N ASN A 86 -9.05 -7.38 -29.99
CA ASN A 86 -9.89 -8.09 -30.96
C ASN A 86 -10.31 -7.14 -32.09
N CYS A 87 -9.40 -6.26 -32.54
CA CYS A 87 -9.73 -5.28 -33.56
C CYS A 87 -8.58 -5.30 -34.56
N TYR A 88 -8.36 -4.20 -35.29
CA TYR A 88 -7.24 -4.18 -36.22
C TYR A 88 -5.93 -4.24 -35.43
N PRO A 89 -4.90 -4.99 -35.89
CA PRO A 89 -3.65 -5.12 -35.13
C PRO A 89 -2.95 -3.76 -35.09
N TYR A 90 -2.47 -3.41 -33.88
CA TYR A 90 -1.80 -2.14 -33.75
C TYR A 90 -0.68 -2.27 -32.73
N ASP A 91 0.22 -1.29 -32.72
CA ASP A 91 1.06 -1.12 -31.55
C ASP A 91 0.98 0.34 -31.15
N VAL A 92 1.50 0.63 -29.95
CA VAL A 92 1.69 1.98 -29.48
C VAL A 92 3.17 2.07 -29.09
N PRO A 93 4.01 2.82 -29.84
CA PRO A 93 5.37 3.08 -29.36
C PRO A 93 5.19 3.83 -28.05
N ASP A 94 5.85 3.34 -27.01
CA ASP A 94 5.74 3.89 -25.66
C ASP A 94 4.33 3.67 -25.09
N TYR A 95 3.83 2.47 -25.36
CA TYR A 95 2.55 1.98 -24.87
C TYR A 95 2.41 2.26 -23.37
N ALA A 96 3.47 1.95 -22.61
CA ALA A 96 3.41 2.03 -21.15
C ALA A 96 3.15 3.47 -20.71
N SER A 97 3.67 4.43 -21.47
CA SER A 97 3.42 5.83 -21.11
C SER A 97 1.96 6.25 -21.37
N LEU A 98 1.40 5.79 -22.48
CA LEU A 98 0.03 6.19 -22.76
C LEU A 98 -0.91 5.56 -21.73
N ARG A 99 -0.67 4.28 -21.42
CA ARG A 99 -1.45 3.57 -20.42
C ARG A 99 -1.37 4.31 -19.08
N SER A 100 -0.15 4.72 -18.73
CA SER A 100 0.09 5.36 -17.46
C SER A 100 -0.66 6.70 -17.43
N LEU A 101 -0.63 7.46 -18.53
CA LEU A 101 -1.22 8.80 -18.43
C LEU A 101 -2.74 8.74 -18.45
N VAL A 102 -3.33 7.78 -19.16
CA VAL A 102 -4.78 7.59 -19.13
C VAL A 102 -5.20 7.04 -17.76
N ALA A 103 -4.49 6.02 -17.27
CA ALA A 103 -4.79 5.41 -15.98
C ALA A 103 -4.85 6.50 -14.91
N SER A 104 -3.87 7.40 -14.97
CA SER A 104 -3.65 8.44 -13.98
C SER A 104 -4.69 9.57 -14.11
N SER A 105 -5.14 9.81 -15.35
CA SER A 105 -6.23 10.72 -15.64
C SER A 105 -7.56 10.26 -15.04
N GLY A 106 -7.86 8.95 -15.14
CA GLY A 106 -9.04 8.40 -14.49
C GLY A 106 -10.35 8.59 -15.25
N THR A 107 -10.31 8.91 -16.55
CA THR A 107 -11.55 9.16 -17.29
C THR A 107 -11.37 8.76 -18.74
N LEU A 108 -12.39 8.16 -19.36
CA LEU A 108 -12.39 8.03 -20.81
C LEU A 108 -13.36 9.01 -21.47
N GLU A 109 -13.75 10.08 -20.75
CA GLU A 109 -14.67 11.06 -21.31
C GLU A 109 -14.14 11.56 -22.66
N PHE A 110 -14.98 11.43 -23.69
CA PHE A 110 -14.60 11.78 -25.05
C PHE A 110 -15.57 12.81 -25.61
N LYS A 111 -15.06 13.74 -26.45
CA LYS A 111 -15.88 14.74 -27.10
C LYS A 111 -15.69 14.72 -28.62
N ASN A 112 -16.77 14.37 -29.38
CA ASN A 112 -16.75 14.48 -30.84
C ASN A 112 -16.34 15.90 -31.24
N GLU A 113 -15.43 15.97 -32.21
CA GLU A 113 -15.17 17.21 -32.91
C GLU A 113 -15.29 16.89 -34.40
N SER A 114 -15.64 17.92 -35.19
CA SER A 114 -15.85 17.75 -36.61
C SER A 114 -14.62 18.27 -37.35
N PHE A 115 -13.92 17.36 -38.04
CA PHE A 115 -12.83 17.78 -38.87
C PHE A 115 -13.34 17.93 -40.30
N ASN A 116 -12.72 18.81 -41.06
CA ASN A 116 -13.05 18.95 -42.47
C ASN A 116 -12.22 17.96 -43.29
N TRP A 117 -12.66 16.69 -43.33
CA TRP A 117 -11.92 15.73 -44.13
C TRP A 117 -12.46 15.81 -45.55
N ALA A 118 -12.07 16.87 -46.25
CA ALA A 118 -12.57 17.19 -47.56
C ALA A 118 -11.92 16.30 -48.60
N GLY A 119 -12.74 15.53 -49.33
CA GLY A 119 -12.28 14.84 -50.53
C GLY A 119 -11.71 13.44 -50.28
N VAL A 120 -11.97 12.87 -49.09
CA VAL A 120 -11.53 11.50 -48.83
C VAL A 120 -12.71 10.66 -48.37
N THR A 121 -12.55 9.34 -48.49
CA THR A 121 -13.51 8.42 -47.90
C THR A 121 -13.19 8.27 -46.42
N GLN A 122 -14.24 8.23 -45.61
CA GLN A 122 -14.16 8.10 -44.17
C GLN A 122 -14.66 6.72 -43.76
N ASN A 123 -14.45 6.39 -42.47
CA ASN A 123 -15.14 5.30 -41.81
C ASN A 123 -14.70 3.97 -42.39
N GLY A 124 -13.43 3.88 -42.80
CA GLY A 124 -12.80 2.61 -43.16
C GLY A 124 -13.04 1.52 -42.10
N LYS A 125 -13.29 0.30 -42.59
CA LYS A 125 -13.76 -0.79 -41.77
C LYS A 125 -12.95 -2.02 -42.18
N SER A 126 -12.96 -3.04 -41.33
CA SER A 126 -12.07 -4.18 -41.49
C SER A 126 -12.73 -5.41 -40.88
N SER A 127 -12.50 -6.58 -41.47
CA SER A 127 -13.08 -7.78 -40.89
C SER A 127 -12.27 -8.29 -39.69
N SER A 128 -11.13 -7.65 -39.42
CA SER A 128 -10.36 -8.00 -38.23
C SER A 128 -11.07 -7.45 -36.99
N CYS A 129 -12.10 -6.64 -37.23
CA CYS A 129 -12.67 -5.84 -36.17
C CYS A 129 -14.20 -5.84 -36.27
N ILE A 130 -14.85 -6.91 -35.80
CA ILE A 130 -16.29 -7.03 -35.96
C ILE A 130 -17.03 -6.38 -34.80
N ARG A 131 -18.01 -5.52 -35.12
CA ARG A 131 -18.92 -4.93 -34.14
C ARG A 131 -20.33 -5.45 -34.44
N GLY A 132 -20.83 -6.35 -33.58
CA GLY A 132 -22.03 -7.11 -33.89
C GLY A 132 -21.69 -8.29 -34.78
N SER A 133 -21.95 -8.14 -36.09
CA SER A 133 -21.50 -9.10 -37.08
C SER A 133 -21.10 -8.40 -38.38
N SER A 134 -20.89 -7.09 -38.30
CA SER A 134 -20.39 -6.33 -39.43
C SER A 134 -18.92 -5.97 -39.21
N SER A 135 -18.18 -5.87 -40.33
CA SER A 135 -16.86 -5.27 -40.35
C SER A 135 -16.93 -3.86 -39.78
N SER A 136 -15.93 -3.50 -38.95
CA SER A 136 -15.97 -2.26 -38.21
C SER A 136 -14.55 -1.77 -37.93
N PHE A 137 -14.41 -0.79 -37.02
CA PHE A 137 -13.10 -0.22 -36.69
C PHE A 137 -13.16 0.34 -35.27
N PHE A 138 -11.98 0.70 -34.74
CA PHE A 138 -11.93 1.42 -33.49
C PHE A 138 -12.97 2.53 -33.50
N SER A 139 -13.85 2.55 -32.50
CA SER A 139 -14.90 3.56 -32.44
C SER A 139 -14.33 4.99 -32.46
N ARG A 140 -13.15 5.22 -31.87
CA ARG A 140 -12.69 6.58 -31.63
C ARG A 140 -11.80 7.06 -32.77
N LEU A 141 -11.52 6.19 -33.74
CA LEU A 141 -10.62 6.49 -34.85
C LEU A 141 -11.36 6.38 -36.19
N ASN A 142 -10.81 7.05 -37.21
CA ASN A 142 -11.47 7.27 -38.50
C ASN A 142 -10.48 6.96 -39.62
N TRP A 143 -10.66 5.79 -40.23
CA TRP A 143 -9.72 5.32 -41.23
C TRP A 143 -10.03 6.00 -42.57
N LEU A 144 -9.20 6.99 -42.96
CA LEU A 144 -9.40 7.73 -44.20
C LEU A 144 -8.66 7.04 -45.34
N THR A 145 -9.31 7.01 -46.52
CA THR A 145 -8.82 6.41 -47.75
C THR A 145 -9.24 7.25 -48.96
N HIS A 146 -8.83 6.83 -50.16
CA HIS A 146 -9.04 7.65 -51.36
C HIS A 146 -10.53 7.81 -51.64
N LEU A 147 -10.88 8.94 -52.24
CA LEU A 147 -12.18 9.10 -52.88
C LEU A 147 -11.96 9.24 -54.38
N ASN A 148 -12.50 8.30 -55.15
CA ASN A 148 -12.42 8.32 -56.61
C ASN A 148 -10.95 8.32 -57.03
N TYR A 149 -10.17 7.39 -56.47
CA TYR A 149 -8.75 7.20 -56.76
C TYR A 149 -7.96 8.48 -56.56
N THR A 150 -8.55 9.40 -55.80
CA THR A 150 -7.87 10.63 -55.42
C THR A 150 -7.73 10.66 -53.90
N TYR A 151 -6.52 10.97 -53.42
CA TYR A 151 -6.33 11.29 -52.02
C TYR A 151 -5.85 12.73 -51.90
N PRO A 152 -6.77 13.73 -51.86
CA PRO A 152 -6.38 15.12 -51.60
C PRO A 152 -5.65 15.26 -50.27
N ALA A 153 -4.60 16.08 -50.29
CA ALA A 153 -3.81 16.42 -49.11
C ALA A 153 -4.73 17.01 -48.04
N LEU A 154 -4.58 16.50 -46.82
CA LEU A 154 -5.34 16.99 -45.70
C LEU A 154 -4.53 18.08 -45.02
N ASN A 155 -5.22 19.12 -44.52
CA ASN A 155 -4.62 20.22 -43.79
C ASN A 155 -5.72 20.85 -42.93
N VAL A 156 -5.89 20.33 -41.71
CA VAL A 156 -7.02 20.73 -40.87
C VAL A 156 -6.52 21.32 -39.56
N THR A 157 -7.28 22.23 -38.98
CA THR A 157 -6.94 22.70 -37.65
C THR A 157 -8.07 22.37 -36.68
N MET A 158 -7.77 22.52 -35.39
CA MET A 158 -8.76 22.42 -34.34
C MET A 158 -8.21 23.17 -33.14
N PRO A 159 -8.57 24.47 -32.99
CA PRO A 159 -8.13 25.26 -31.84
C PRO A 159 -8.66 24.69 -30.52
N ASN A 160 -7.87 24.84 -29.46
CA ASN A 160 -8.35 24.53 -28.14
C ASN A 160 -8.86 25.84 -27.54
N LYS A 161 -10.17 26.07 -27.66
CA LYS A 161 -10.80 27.25 -27.09
C LYS A 161 -11.24 26.99 -25.65
N GLU A 162 -10.99 25.78 -25.15
CA GLU A 162 -11.39 25.37 -23.82
C GLU A 162 -10.42 25.89 -22.76
N GLN A 163 -10.74 25.58 -21.50
CA GLN A 163 -9.92 25.97 -20.36
C GLN A 163 -8.97 24.84 -19.98
N PHE A 164 -9.18 23.66 -20.56
CA PHE A 164 -8.45 22.47 -20.14
C PHE A 164 -7.69 21.88 -21.33
N ASP A 165 -6.78 20.95 -21.01
CA ASP A 165 -6.00 20.23 -22.00
C ASP A 165 -6.89 19.22 -22.73
N LYS A 166 -6.54 18.97 -23.99
CA LYS A 166 -7.16 17.93 -24.81
C LYS A 166 -6.10 16.89 -25.18
N LEU A 167 -6.51 15.63 -25.10
CA LEU A 167 -5.68 14.51 -25.54
C LEU A 167 -6.27 13.98 -26.85
N TYR A 168 -5.47 14.03 -27.91
CA TYR A 168 -5.86 13.45 -29.18
C TYR A 168 -5.12 12.14 -29.41
N ILE A 169 -5.90 11.11 -29.75
CA ILE A 169 -5.38 9.82 -30.19
C ILE A 169 -5.55 9.71 -31.70
N TRP A 170 -4.45 9.38 -32.38
CA TRP A 170 -4.42 9.19 -33.81
C TRP A 170 -3.45 8.07 -34.17
N GLY A 171 -3.35 7.79 -35.47
CA GLY A 171 -2.48 6.70 -35.90
C GLY A 171 -1.98 6.86 -37.34
N VAL A 172 -1.13 5.90 -37.71
CA VAL A 172 -0.57 5.79 -39.04
C VAL A 172 -0.72 4.34 -39.46
N HIS A 173 -1.23 4.14 -40.67
CA HIS A 173 -1.43 2.82 -41.22
C HIS A 173 -0.18 2.43 -42.00
N HIS A 174 0.33 1.24 -41.70
CA HIS A 174 1.47 0.64 -42.39
C HIS A 174 0.94 -0.49 -43.27
N PRO A 175 0.69 -0.24 -44.58
CA PRO A 175 0.28 -1.32 -45.48
C PRO A 175 1.35 -2.39 -45.67
N ASP A 176 0.89 -3.63 -45.86
CA ASP A 176 1.78 -4.78 -46.01
C ASP A 176 2.59 -4.71 -47.31
N THR A 177 2.04 -4.09 -48.36
CA THR A 177 2.63 -4.08 -49.70
C THR A 177 2.41 -2.72 -50.36
N ASP A 178 3.17 -2.44 -51.44
CA ASP A 178 3.03 -1.21 -52.19
C ASP A 178 1.68 -1.16 -52.93
N LYS A 179 1.12 -2.34 -53.25
CA LYS A 179 -0.15 -2.47 -53.95
C LYS A 179 -1.29 -1.77 -53.19
N ASN A 180 -1.62 -2.26 -51.99
CA ASN A 180 -2.35 -1.38 -51.08
C ASN A 180 -1.35 -0.33 -50.62
N GLN A 181 -1.86 0.83 -50.22
CA GLN A 181 -1.07 2.05 -50.29
C GLN A 181 -1.58 2.76 -51.54
N ILE A 182 -1.17 2.26 -52.71
CA ILE A 182 -1.76 2.73 -53.95
C ILE A 182 -3.27 2.50 -53.83
N SER A 183 -3.64 1.23 -53.59
CA SER A 183 -5.03 0.82 -53.49
C SER A 183 -5.80 1.65 -52.46
N LEU A 184 -5.17 1.93 -51.30
CA LEU A 184 -5.85 2.63 -50.21
C LEU A 184 -5.71 4.14 -50.37
N TYR A 185 -4.52 4.62 -50.74
CA TYR A 185 -4.23 6.05 -50.64
C TYR A 185 -3.93 6.66 -52.00
N ALA A 186 -3.97 5.85 -53.07
CA ALA A 186 -3.80 6.32 -54.44
C ALA A 186 -2.53 7.16 -54.55
N GLN A 187 -1.41 6.59 -54.10
CA GLN A 187 -0.27 7.37 -53.66
C GLN A 187 0.84 6.41 -53.28
N PRO A 188 2.10 6.64 -53.75
CA PRO A 188 3.21 5.78 -53.39
C PRO A 188 3.72 6.00 -51.96
N SER A 189 3.70 7.27 -51.51
CA SER A 189 4.35 7.68 -50.26
C SER A 189 3.41 7.61 -49.07
N GLY A 190 2.97 8.78 -48.59
CA GLY A 190 2.24 8.91 -47.33
C GLY A 190 3.11 9.63 -46.29
N ARG A 191 2.60 10.73 -45.75
CA ARG A 191 3.34 11.52 -44.78
C ARG A 191 2.34 12.13 -43.80
N ILE A 192 2.68 12.09 -42.50
CA ILE A 192 1.82 12.68 -41.50
C ILE A 192 2.63 13.65 -40.67
N THR A 193 2.06 14.82 -40.41
CA THR A 193 2.62 15.84 -39.53
C THR A 193 1.48 16.33 -38.65
N VAL A 194 1.60 16.11 -37.34
CA VAL A 194 0.64 16.62 -36.37
C VAL A 194 1.40 17.57 -35.47
N SER A 195 0.89 18.81 -35.34
CA SER A 195 1.66 19.82 -34.65
C SER A 195 0.75 20.79 -33.91
N THR A 196 1.38 21.52 -32.99
CA THR A 196 0.80 22.62 -32.24
C THR A 196 1.87 23.73 -32.17
N LYS A 197 1.60 24.77 -31.40
CA LYS A 197 2.61 25.79 -31.21
C LYS A 197 3.74 25.25 -30.34
N ARG A 198 3.53 24.09 -29.70
CA ARG A 198 4.42 23.64 -28.64
C ARG A 198 5.06 22.31 -29.01
N SER A 199 4.51 21.62 -30.01
CA SER A 199 5.03 20.30 -30.36
C SER A 199 4.84 20.00 -31.84
N GLN A 200 5.66 19.10 -32.36
CA GLN A 200 5.46 18.61 -33.71
C GLN A 200 5.80 17.11 -33.71
N GLN A 201 4.98 16.33 -34.41
CA GLN A 201 5.20 14.90 -34.55
C GLN A 201 5.04 14.56 -36.02
N ALA A 202 6.02 13.84 -36.58
CA ALA A 202 6.01 13.53 -38.01
C ALA A 202 6.24 12.04 -38.19
N VAL A 203 5.36 11.38 -38.97
CA VAL A 203 5.46 9.94 -39.15
C VAL A 203 5.31 9.62 -40.64
N ILE A 204 6.11 8.65 -41.10
CA ILE A 204 5.97 8.06 -42.42
C ILE A 204 5.69 6.57 -42.23
N PRO A 205 4.74 5.96 -42.97
CA PRO A 205 4.51 4.52 -42.88
C PRO A 205 5.71 3.73 -43.36
N ASN A 206 5.82 2.48 -42.89
CA ASN A 206 6.82 1.54 -43.36
C ASN A 206 6.08 0.33 -43.92
N ILE A 207 6.13 0.24 -45.26
CA ILE A 207 5.49 -0.80 -46.05
C ILE A 207 6.25 -2.09 -45.80
N GLY A 208 5.51 -3.20 -45.62
CA GLY A 208 6.10 -4.49 -45.37
C GLY A 208 5.08 -5.45 -44.75
N SER A 209 5.32 -6.76 -44.96
CA SER A 209 4.51 -7.79 -44.32
C SER A 209 4.95 -7.93 -42.86
N ARG A 210 3.95 -8.06 -42.00
CA ARG A 210 4.08 -8.51 -40.61
C ARG A 210 3.22 -9.76 -40.49
N PRO A 211 3.50 -10.69 -39.54
CA PRO A 211 2.68 -11.89 -39.40
C PRO A 211 1.21 -11.53 -39.21
N ARG A 212 0.34 -12.34 -39.83
CA ARG A 212 -1.07 -11.99 -39.90
C ARG A 212 -1.72 -12.16 -38.53
N ILE A 213 -2.59 -11.21 -38.20
CA ILE A 213 -3.38 -11.26 -36.97
C ILE A 213 -4.83 -11.00 -37.39
N ARG A 214 -5.72 -11.92 -37.02
CA ARG A 214 -7.06 -12.00 -37.62
C ARG A 214 -6.92 -11.68 -39.10
N ASP A 215 -5.90 -12.28 -39.72
CA ASP A 215 -5.69 -12.31 -41.17
C ASP A 215 -5.13 -10.98 -41.71
N ILE A 216 -4.65 -10.08 -40.83
CA ILE A 216 -4.16 -8.78 -41.29
C ILE A 216 -2.64 -8.75 -41.15
N PRO A 217 -1.91 -8.58 -42.28
CA PRO A 217 -0.46 -8.42 -42.28
C PRO A 217 -0.01 -6.96 -42.24
N SER A 218 -0.98 -6.05 -42.31
CA SER A 218 -0.76 -4.63 -42.07
C SER A 218 -0.76 -4.35 -40.57
N ARG A 219 -0.38 -3.12 -40.19
CA ARG A 219 -0.41 -2.71 -38.81
C ARG A 219 -0.79 -1.23 -38.75
N ILE A 220 -1.38 -0.83 -37.62
CA ILE A 220 -1.51 0.59 -37.28
C ILE A 220 -0.58 0.88 -36.10
N SER A 221 0.06 2.06 -36.11
CA SER A 221 0.85 2.58 -35.01
C SER A 221 0.15 3.77 -34.38
N ILE A 222 -0.07 3.73 -33.06
CA ILE A 222 -0.86 4.74 -32.38
C ILE A 222 0.01 5.81 -31.76
N TYR A 223 -0.41 7.06 -31.92
CA TYR A 223 0.30 8.22 -31.42
C TYR A 223 -0.67 9.09 -30.63
N TRP A 224 -0.13 10.00 -29.81
CA TRP A 224 -1.01 10.91 -29.08
C TRP A 224 -0.37 12.28 -29.03
N THR A 225 -1.23 13.28 -28.83
CA THR A 225 -0.75 14.64 -28.65
C THR A 225 -1.71 15.37 -27.72
N ILE A 226 -1.13 16.21 -26.87
CA ILE A 226 -1.89 16.97 -25.90
C ILE A 226 -1.87 18.42 -26.39
N VAL A 227 -3.05 19.02 -26.49
CA VAL A 227 -3.19 20.39 -26.96
C VAL A 227 -3.64 21.24 -25.78
N LYS A 228 -2.78 22.22 -25.42
CA LYS A 228 -2.99 23.11 -24.29
C LYS A 228 -4.03 24.15 -24.66
N PRO A 229 -4.68 24.81 -23.66
CA PRO A 229 -5.59 25.92 -23.91
C PRO A 229 -4.93 27.05 -24.69
N GLY A 230 -5.64 27.56 -25.70
CA GLY A 230 -5.14 28.61 -26.56
C GLY A 230 -4.14 28.08 -27.58
N ASP A 231 -4.00 26.77 -27.67
CA ASP A 231 -3.18 26.18 -28.72
C ASP A 231 -4.10 25.60 -29.79
N ILE A 232 -3.48 25.08 -30.85
CA ILE A 232 -4.17 24.66 -32.05
C ILE A 232 -3.55 23.33 -32.46
N LEU A 233 -4.42 22.36 -32.73
CA LEU A 233 -4.01 21.16 -33.44
C LEU A 233 -4.00 21.46 -34.94
N LEU A 234 -2.91 21.06 -35.61
CA LEU A 234 -2.81 21.14 -37.06
C LEU A 234 -2.37 19.78 -37.58
N ILE A 235 -3.26 19.12 -38.33
CA ILE A 235 -2.95 17.86 -38.98
C ILE A 235 -2.76 18.11 -40.49
N ASN A 236 -1.55 17.84 -40.98
CA ASN A 236 -1.21 17.94 -42.38
C ASN A 236 -0.70 16.60 -42.88
N SER A 237 -1.49 15.94 -43.74
CA SER A 237 -1.20 14.58 -44.17
C SER A 237 -1.55 14.35 -45.64
N THR A 238 -0.73 13.52 -46.30
CA THR A 238 -0.98 13.13 -47.68
C THR A 238 -1.30 11.64 -47.77
N GLY A 239 -1.91 11.07 -46.73
CA GLY A 239 -2.26 9.66 -46.73
C GLY A 239 -1.72 8.91 -45.51
N ASN A 240 -2.32 7.75 -45.24
CA ASN A 240 -1.97 6.79 -44.21
C ASN A 240 -2.45 7.24 -42.82
N LEU A 241 -3.22 8.33 -42.78
CA LEU A 241 -3.70 8.87 -41.52
C LEU A 241 -4.86 8.04 -41.00
N ILE A 242 -4.71 7.56 -39.75
CA ILE A 242 -5.83 7.07 -38.96
C ILE A 242 -6.24 8.24 -38.06
N ALA A 243 -7.35 8.88 -38.42
CA ALA A 243 -7.68 10.19 -37.88
C ALA A 243 -8.39 10.07 -36.53
N PRO A 244 -8.35 11.12 -35.67
CA PRO A 244 -9.20 11.17 -34.48
C PRO A 244 -10.60 11.65 -34.83
N ARG A 245 -11.59 11.29 -34.00
CA ARG A 245 -12.99 11.72 -34.14
C ARG A 245 -13.30 12.78 -33.09
N GLY A 246 -12.28 13.15 -32.31
CA GLY A 246 -12.47 14.09 -31.22
C GLY A 246 -11.32 13.98 -30.21
N TYR A 247 -11.55 14.47 -28.98
CA TYR A 247 -10.49 14.42 -27.98
C TYR A 247 -11.03 13.82 -26.70
N PHE A 248 -10.09 13.49 -25.80
CA PHE A 248 -10.35 12.98 -24.47
C PHE A 248 -10.00 14.08 -23.49
N LYS A 249 -10.77 14.15 -22.40
CA LYS A 249 -10.39 15.04 -21.31
C LYS A 249 -9.16 14.44 -20.66
N ILE A 250 -8.22 15.28 -20.24
CA ILE A 250 -7.07 14.77 -19.52
C ILE A 250 -7.01 15.49 -18.19
N ARG A 251 -7.39 14.75 -17.14
CA ARG A 251 -7.50 15.25 -15.78
C ARG A 251 -6.29 14.80 -14.96
N SER A 252 -6.14 15.40 -13.77
CA SER A 252 -5.20 14.92 -12.77
C SER A 252 -5.95 14.62 -11.47
N GLY A 253 -5.49 13.56 -10.80
CA GLY A 253 -6.04 13.18 -9.51
C GLY A 253 -5.34 11.91 -9.05
N LYS A 254 -6.06 11.09 -8.28
CA LYS A 254 -5.46 9.97 -7.58
C LYS A 254 -5.72 8.67 -8.32
N SER A 255 -6.15 8.73 -9.58
CA SER A 255 -6.56 7.52 -10.27
C SER A 255 -5.36 6.68 -10.66
N SER A 256 -5.57 5.36 -10.75
CA SER A 256 -4.50 4.50 -11.26
C SER A 256 -5.09 3.26 -11.92
N ILE A 257 -4.21 2.30 -12.22
CA ILE A 257 -4.55 1.03 -12.86
C ILE A 257 -3.73 -0.05 -12.15
N MET A 258 -4.29 -1.27 -12.06
CA MET A 258 -3.62 -2.38 -11.40
C MET A 258 -3.97 -3.64 -12.19
N ARG A 259 -2.99 -4.54 -12.37
CA ARG A 259 -3.19 -5.86 -12.95
C ARG A 259 -3.53 -6.82 -11.83
N SER A 260 -4.71 -7.45 -11.92
CA SER A 260 -5.20 -8.34 -10.87
C SER A 260 -6.25 -9.27 -11.41
N ASP A 261 -6.34 -10.46 -10.81
CA ASP A 261 -7.37 -11.41 -11.18
C ASP A 261 -8.32 -11.61 -10.02
N ALA A 262 -8.17 -10.79 -8.98
CA ALA A 262 -9.00 -10.92 -7.79
C ALA A 262 -10.42 -10.48 -8.13
N PRO A 263 -11.47 -11.14 -7.56
CA PRO A 263 -12.85 -10.69 -7.77
C PRO A 263 -13.11 -9.41 -7.00
N ILE A 264 -14.02 -8.57 -7.52
CA ILE A 264 -14.49 -7.39 -6.80
C ILE A 264 -15.58 -7.82 -5.83
N GLY A 265 -15.55 -7.33 -4.59
CA GLY A 265 -16.54 -7.72 -3.62
C GLY A 265 -17.23 -6.51 -3.01
N LYS A 266 -18.36 -6.74 -2.36
CA LYS A 266 -19.11 -5.68 -1.71
C LYS A 266 -18.62 -5.56 -0.28
N CYS A 267 -17.61 -4.72 -0.06
CA CYS A 267 -17.04 -4.54 1.26
C CYS A 267 -16.26 -3.23 1.27
N LYS A 268 -15.69 -2.89 2.43
CA LYS A 268 -14.96 -1.66 2.59
C LYS A 268 -13.52 -1.95 3.02
N SER A 269 -12.56 -1.32 2.33
CA SER A 269 -11.15 -1.47 2.65
C SER A 269 -10.34 -0.41 1.91
N GLU A 270 -9.56 0.36 2.68
CA GLU A 270 -8.75 1.46 2.18
C GLU A 270 -7.62 0.99 1.27
N CYS A 271 -7.05 -0.20 1.52
CA CYS A 271 -5.83 -0.63 0.85
C CYS A 271 -6.14 -1.80 -0.10
N ILE A 272 -5.67 -1.69 -1.35
CA ILE A 272 -5.91 -2.70 -2.37
C ILE A 272 -4.55 -3.17 -2.86
N THR A 273 -4.44 -4.49 -3.03
CA THR A 273 -3.30 -5.12 -3.66
C THR A 273 -3.87 -6.01 -4.75
N PRO A 274 -3.05 -6.45 -5.72
CA PRO A 274 -3.49 -7.41 -6.73
C PRO A 274 -4.04 -8.71 -6.15
N ASN A 275 -3.62 -9.05 -4.92
CA ASN A 275 -4.10 -10.27 -4.26
C ASN A 275 -5.49 -10.06 -3.69
N GLY A 276 -5.91 -8.80 -3.55
CA GLY A 276 -7.10 -8.47 -2.81
C GLY A 276 -6.82 -7.34 -1.81
N SER A 277 -7.90 -6.84 -1.20
CA SER A 277 -7.81 -5.83 -0.18
C SER A 277 -7.15 -6.43 1.06
N ILE A 278 -6.46 -5.58 1.82
CA ILE A 278 -5.80 -6.00 3.06
C ILE A 278 -6.15 -4.95 4.10
N PRO A 279 -6.30 -5.38 5.36
CA PRO A 279 -6.47 -4.43 6.46
C PRO A 279 -5.23 -3.54 6.56
N ASN A 280 -5.40 -2.31 7.05
CA ASN A 280 -4.30 -1.36 7.07
C ASN A 280 -4.04 -0.91 8.50
N ASP A 281 -4.43 -1.71 9.50
CA ASP A 281 -4.14 -1.40 10.88
C ASP A 281 -2.63 -1.46 11.14
N LYS A 282 -1.94 -2.45 10.55
CA LYS A 282 -0.52 -2.67 10.81
C LYS A 282 0.31 -1.68 9.98
N PRO A 283 1.52 -1.29 10.44
CA PRO A 283 2.40 -0.41 9.65
C PRO A 283 3.14 -1.05 8.46
N PHE A 284 3.21 -2.39 8.41
CA PHE A 284 3.93 -3.07 7.36
C PHE A 284 3.07 -4.19 6.82
N GLN A 285 3.47 -4.71 5.65
CA GLN A 285 2.73 -5.79 5.02
C GLN A 285 3.73 -6.50 4.13
N ASN A 286 3.47 -7.78 3.89
CA ASN A 286 4.33 -8.63 3.09
C ASN A 286 3.46 -9.31 2.03
N VAL A 287 2.30 -8.72 1.76
CA VAL A 287 1.36 -9.27 0.78
C VAL A 287 1.81 -8.96 -0.65
N ASN A 288 2.09 -7.68 -0.97
CA ASN A 288 2.43 -7.31 -2.33
C ASN A 288 3.09 -5.94 -2.35
N ARG A 289 4.11 -5.75 -3.21
CA ARG A 289 4.72 -4.43 -3.32
C ARG A 289 3.84 -3.50 -4.16
N ILE A 290 2.91 -4.09 -4.93
CA ILE A 290 1.91 -3.31 -5.65
C ILE A 290 0.75 -3.01 -4.71
N THR A 291 0.50 -1.72 -4.47
CA THR A 291 -0.58 -1.31 -3.59
C THR A 291 -1.29 -0.08 -4.14
N TYR A 292 -2.52 0.17 -3.67
CA TYR A 292 -3.24 1.39 -4.01
C TYR A 292 -4.04 1.80 -2.79
N GLY A 293 -3.94 3.07 -2.37
CA GLY A 293 -4.70 3.53 -1.22
C GLY A 293 -3.83 3.70 0.02
N ALA A 294 -4.48 3.74 1.19
CA ALA A 294 -3.78 3.93 2.46
C ALA A 294 -3.31 2.57 2.95
N CYS A 295 -2.06 2.22 2.59
CA CYS A 295 -1.56 0.87 2.73
C CYS A 295 -0.37 0.79 3.69
N PRO A 296 -0.20 -0.34 4.41
CA PRO A 296 1.03 -0.61 5.16
C PRO A 296 2.18 -0.65 4.16
N ARG A 297 3.38 -0.31 4.62
CA ARG A 297 4.53 -0.34 3.72
C ARG A 297 4.99 -1.78 3.50
N TYR A 298 5.34 -2.08 2.25
CA TYR A 298 5.81 -3.41 1.91
C TYR A 298 7.22 -3.67 2.45
N VAL A 299 7.35 -4.81 3.17
CA VAL A 299 8.62 -5.29 3.69
C VAL A 299 8.81 -6.76 3.27
N LYS A 300 10.06 -7.22 3.38
CA LYS A 300 10.43 -8.59 3.06
C LYS A 300 10.09 -9.57 4.18
N GLN A 301 10.00 -9.13 5.43
CA GLN A 301 9.78 -10.02 6.57
C GLN A 301 8.33 -10.52 6.55
N SER A 302 8.12 -11.79 6.91
CA SER A 302 6.76 -12.31 6.90
C SER A 302 6.12 -12.05 8.25
N THR A 303 6.92 -11.69 9.26
CA THR A 303 6.38 -11.43 10.57
C THR A 303 7.36 -10.56 11.36
N LEU A 304 6.84 -9.66 12.20
CA LEU A 304 7.66 -8.86 13.10
C LEU A 304 6.78 -8.57 14.32
N LYS A 305 7.18 -9.16 15.45
CA LYS A 305 6.35 -9.13 16.63
C LYS A 305 6.81 -8.01 17.53
N LEU A 306 5.86 -7.15 17.90
CA LEU A 306 6.11 -6.05 18.83
C LEU A 306 5.64 -6.49 20.21
N ALA A 307 6.56 -6.54 21.19
CA ALA A 307 6.24 -6.84 22.58
C ALA A 307 5.25 -5.83 23.14
N THR A 308 4.22 -6.36 23.82
CA THR A 308 3.20 -5.53 24.44
C THR A 308 3.07 -5.95 25.90
N GLY A 309 4.11 -6.62 26.40
CA GLY A 309 4.17 -6.93 27.81
C GLY A 309 5.62 -7.17 28.25
N MET A 310 5.78 -7.41 29.54
CA MET A 310 7.10 -7.55 30.15
C MET A 310 7.72 -8.88 29.77
N ARG A 311 9.01 -9.04 30.09
CA ARG A 311 9.69 -10.33 29.96
C ARG A 311 8.91 -11.40 30.73
N ASN A 312 8.71 -12.58 30.13
CA ASN A 312 7.88 -13.61 30.74
C ASN A 312 8.76 -14.55 31.56
N VAL A 313 8.50 -14.63 32.87
CA VAL A 313 9.33 -15.49 33.71
C VAL A 313 8.42 -16.45 34.48
N PRO A 314 8.06 -17.62 33.89
CA PRO A 314 6.98 -18.46 34.43
C PRO A 314 7.28 -19.11 35.80
N GLU A 315 6.21 -19.42 36.54
CA GLU A 315 6.13 -20.35 37.67
C GLU A 315 5.83 -19.59 38.97
N GLY A 320 16.77 -7.59 31.99
CA GLY A 320 16.63 -6.15 31.73
C GLY A 320 17.69 -5.34 32.46
N ILE A 321 17.84 -4.07 32.05
CA ILE A 321 18.94 -3.24 32.51
C ILE A 321 18.67 -2.81 33.95
N PHE A 322 17.44 -2.95 34.45
CA PHE A 322 17.21 -2.56 35.84
C PHE A 322 17.32 -3.71 36.83
N GLY A 323 17.44 -4.97 36.36
CA GLY A 323 17.82 -6.07 37.25
C GLY A 323 16.73 -6.62 38.17
N ALA A 324 15.45 -6.24 37.99
CA ALA A 324 14.39 -6.72 38.88
C ALA A 324 13.70 -7.94 38.27
N ILE A 325 13.00 -7.73 37.13
CA ILE A 325 12.29 -8.79 36.41
C ILE A 325 13.33 -9.71 35.74
N ALA A 326 13.24 -11.02 35.99
CA ALA A 326 14.29 -11.95 35.58
C ALA A 326 15.60 -11.58 36.26
N GLY A 327 15.52 -10.89 37.40
CA GLY A 327 16.72 -10.42 38.11
C GLY A 327 16.65 -10.82 39.58
N PHE A 328 16.58 -9.85 40.49
CA PHE A 328 16.53 -10.19 41.91
C PHE A 328 15.14 -10.71 42.28
N ILE A 329 14.14 -10.47 41.42
CA ILE A 329 12.86 -11.13 41.57
C ILE A 329 12.95 -12.45 40.81
N GLU A 330 12.79 -13.57 41.53
CA GLU A 330 13.16 -14.87 40.98
C GLU A 330 12.24 -15.28 39.82
N ASN A 331 10.92 -15.04 39.94
CA ASN A 331 10.02 -15.32 38.83
C ASN A 331 8.73 -14.54 38.97
N GLY A 332 7.91 -14.64 37.91
CA GLY A 332 6.61 -13.99 37.91
C GLY A 332 5.54 -14.83 38.63
N TRP A 333 4.38 -14.22 38.83
CA TRP A 333 3.21 -14.81 39.46
C TRP A 333 2.14 -15.05 38.40
N GLU A 334 1.97 -16.31 37.98
CA GLU A 334 0.91 -16.71 37.05
C GLU A 334 -0.46 -16.46 37.68
N GLY A 335 -0.49 -16.52 39.01
CA GLY A 335 -1.73 -16.37 39.75
C GLY A 335 -2.17 -14.91 39.82
N MET A 336 -1.33 -13.97 39.33
CA MET A 336 -1.76 -12.59 39.43
C MET A 336 -2.31 -12.12 38.08
N VAL A 337 -3.64 -11.90 38.02
CA VAL A 337 -4.30 -11.81 36.74
C VAL A 337 -5.10 -10.51 36.70
N ASP A 338 -5.05 -9.76 37.78
CA ASP A 338 -5.74 -8.47 37.81
C ASP A 338 -4.74 -7.32 37.76
N GLY A 339 -3.46 -7.63 37.54
CA GLY A 339 -2.46 -6.57 37.53
C GLY A 339 -1.13 -7.08 37.00
N TRP A 340 -0.21 -6.15 36.69
CA TRP A 340 1.08 -6.53 36.12
C TRP A 340 2.12 -6.65 37.23
N TYR A 341 1.96 -5.83 38.27
CA TYR A 341 2.85 -5.76 39.42
C TYR A 341 1.99 -5.81 40.69
N GLY A 342 2.55 -6.38 41.77
CA GLY A 342 1.78 -6.38 43.01
C GLY A 342 2.58 -6.77 44.25
N PHE A 343 1.84 -7.05 45.33
CA PHE A 343 2.40 -7.44 46.61
C PHE A 343 1.79 -8.78 47.02
N ARG A 344 2.65 -9.69 47.49
CA ARG A 344 2.22 -10.85 48.27
C ARG A 344 2.73 -10.68 49.69
N HIS A 345 1.89 -11.07 50.66
CA HIS A 345 2.28 -10.91 52.05
C HIS A 345 2.00 -12.20 52.82
N GLN A 346 2.64 -12.24 53.99
CA GLN A 346 2.37 -13.17 55.06
C GLN A 346 2.41 -12.36 56.36
N ASN A 347 1.31 -12.36 57.10
CA ASN A 347 1.29 -11.74 58.42
C ASN A 347 0.71 -12.75 59.40
N SER A 348 0.30 -12.27 60.59
CA SER A 348 -0.30 -13.15 61.59
C SER A 348 -1.70 -13.62 61.15
N GLU A 349 -2.33 -12.89 60.23
CA GLU A 349 -3.68 -13.17 59.78
C GLU A 349 -3.73 -14.01 58.50
N GLY A 350 -2.58 -14.45 57.98
CA GLY A 350 -2.55 -15.32 56.81
C GLY A 350 -1.66 -14.80 55.67
N ARG A 351 -2.02 -15.16 54.41
CA ARG A 351 -1.25 -14.96 53.19
C ARG A 351 -2.12 -14.41 52.06
N GLY A 352 -1.62 -13.38 51.36
CA GLY A 352 -2.46 -12.64 50.43
C GLY A 352 -1.70 -12.05 49.24
N GLN A 353 -2.46 -11.63 48.22
CA GLN A 353 -1.94 -11.13 46.98
C GLN A 353 -2.86 -10.02 46.51
N ALA A 354 -2.26 -8.88 46.13
CA ALA A 354 -2.96 -7.73 45.57
C ALA A 354 -2.11 -7.11 44.45
N ALA A 355 -2.78 -6.62 43.41
CA ALA A 355 -2.18 -5.92 42.29
C ALA A 355 -1.89 -4.48 42.72
N ASP A 356 -0.75 -3.94 42.28
CA ASP A 356 -0.59 -2.50 42.37
C ASP A 356 -1.11 -1.90 41.07
N LEU A 357 -2.05 -0.94 41.19
CA LEU A 357 -2.74 -0.39 40.04
C LEU A 357 -1.94 0.72 39.38
N LYS A 358 -1.29 1.55 40.20
CA LYS A 358 -0.57 2.72 39.71
C LYS A 358 0.58 2.27 38.80
N SER A 359 1.34 1.27 39.25
CA SER A 359 2.51 0.81 38.53
C SER A 359 2.05 0.03 37.30
N THR A 360 0.94 -0.73 37.44
CA THR A 360 0.40 -1.47 36.30
C THR A 360 0.04 -0.49 35.17
N GLN A 361 -0.68 0.57 35.54
CA GLN A 361 -1.20 1.53 34.58
C GLN A 361 -0.05 2.26 33.90
N ALA A 362 0.96 2.64 34.68
CA ALA A 362 2.18 3.27 34.17
C ALA A 362 2.79 2.46 33.04
N ALA A 363 2.92 1.13 33.24
CA ALA A 363 3.50 0.27 32.23
C ALA A 363 2.60 0.23 30.99
N ILE A 364 1.30 0.03 31.23
CA ILE A 364 0.31 -0.11 30.16
C ILE A 364 0.20 1.18 29.36
N ASP A 365 0.20 2.34 30.03
CA ASP A 365 0.10 3.61 29.32
C ASP A 365 1.29 3.79 28.37
N GLN A 366 2.49 3.38 28.79
CA GLN A 366 3.68 3.56 27.96
C GLN A 366 3.60 2.68 26.71
N ILE A 367 3.12 1.45 26.90
CA ILE A 367 3.05 0.50 25.81
C ILE A 367 1.94 0.93 24.85
N ASN A 368 0.80 1.40 25.37
CA ASN A 368 -0.26 1.92 24.51
C ASN A 368 0.20 3.16 23.75
N GLY A 369 1.08 3.96 24.37
CA GLY A 369 1.67 5.11 23.68
C GLY A 369 2.48 4.68 22.48
N LYS A 370 3.23 3.56 22.61
CA LYS A 370 4.01 3.04 21.50
C LYS A 370 3.06 2.53 20.42
N LEU A 371 2.02 1.83 20.85
CA LEU A 371 1.06 1.29 19.89
C LEU A 371 0.32 2.41 19.14
N ASN A 372 0.04 3.53 19.85
CA ASN A 372 -0.64 4.67 19.24
C ASN A 372 0.20 5.25 18.09
N ARG A 373 1.53 5.21 18.23
CA ARG A 373 2.43 5.71 17.21
C ARG A 373 2.52 4.74 16.03
N LEU A 374 2.23 3.45 16.22
CA LEU A 374 2.54 2.49 15.18
C LEU A 374 1.32 1.91 14.47
N ILE A 375 0.14 1.96 15.12
CA ILE A 375 -1.01 1.22 14.61
C ILE A 375 -1.96 2.21 13.99
N GLY A 376 -2.53 1.84 12.84
CA GLY A 376 -3.45 2.67 12.09
C GLY A 376 -2.84 4.01 11.67
N LYS A 377 -1.59 4.01 11.21
CA LYS A 377 -0.95 5.26 10.84
C LYS A 377 -0.42 5.25 9.40
N THR A 378 -1.00 4.41 8.52
CA THR A 378 -0.43 4.19 7.19
C THR A 378 -0.55 5.42 6.28
N ASN A 379 0.31 5.40 5.25
CA ASN A 379 0.45 6.41 4.21
C ASN A 379 -0.39 6.04 2.99
N GLU A 380 -1.02 7.05 2.40
CA GLU A 380 -1.79 6.89 1.17
C GLU A 380 -0.89 7.10 -0.05
N LYS A 381 -0.91 6.13 -0.99
CA LYS A 381 -0.24 6.27 -2.28
C LYS A 381 -1.18 5.82 -3.41
N PHE A 382 -1.11 6.50 -4.55
CA PHE A 382 -2.04 6.23 -5.63
C PHE A 382 -1.25 5.74 -6.85
N HIS A 383 -1.19 6.55 -7.90
CA HIS A 383 -0.46 6.12 -9.09
C HIS A 383 1.04 6.10 -8.77
N GLN A 384 1.72 5.01 -9.16
CA GLN A 384 3.11 4.81 -8.80
C GLN A 384 3.87 4.34 -10.02
N ILE A 385 4.94 3.56 -9.82
CA ILE A 385 5.61 2.98 -10.97
C ILE A 385 5.11 1.55 -11.07
N GLU A 386 5.34 0.93 -12.25
CA GLU A 386 5.08 -0.47 -12.48
C GLU A 386 6.19 -1.25 -11.77
N LYS A 387 5.85 -2.46 -11.29
CA LYS A 387 6.73 -3.21 -10.42
C LYS A 387 6.85 -4.65 -10.89
N GLU A 388 6.06 -5.00 -11.91
CA GLU A 388 6.13 -6.31 -12.56
C GLU A 388 6.19 -6.10 -14.06
N PHE A 389 6.96 -6.95 -14.74
CA PHE A 389 7.21 -6.76 -16.17
C PHE A 389 7.18 -8.12 -16.86
N SER A 390 6.52 -8.18 -18.01
CA SER A 390 6.36 -9.44 -18.69
C SER A 390 7.45 -9.64 -19.75
N GLU A 391 8.11 -8.54 -20.18
CA GLU A 391 9.10 -8.59 -21.25
C GLU A 391 10.40 -7.87 -20.86
N VAL A 392 11.52 -8.39 -21.38
CA VAL A 392 12.86 -7.82 -21.35
C VAL A 392 12.83 -6.45 -22.04
N GLU A 393 13.40 -5.41 -21.41
CA GLU A 393 13.39 -4.06 -22.01
C GLU A 393 14.70 -3.28 -21.80
N GLY A 394 15.58 -3.73 -20.91
CA GLY A 394 16.83 -3.00 -20.71
C GLY A 394 16.72 -1.86 -19.69
N ARG A 395 17.50 -0.81 -19.98
CA ARG A 395 18.04 0.18 -19.07
C ARG A 395 17.00 0.79 -18.13
N VAL A 396 15.94 1.37 -18.70
CA VAL A 396 14.90 2.01 -17.91
C VAL A 396 14.19 1.00 -17.00
N GLN A 397 13.87 -0.19 -17.52
CA GLN A 397 13.29 -1.25 -16.70
C GLN A 397 14.27 -1.68 -15.61
N ASP A 398 15.57 -1.74 -15.91
CA ASP A 398 16.54 -2.08 -14.87
C ASP A 398 16.42 -1.08 -13.71
N LEU A 399 16.29 0.23 -14.05
CA LEU A 399 16.24 1.29 -13.05
C LEU A 399 14.93 1.24 -12.25
N GLU A 400 13.79 1.01 -12.91
CA GLU A 400 12.52 0.85 -12.22
C GLU A 400 12.60 -0.27 -11.18
N LYS A 401 13.24 -1.39 -11.54
CA LYS A 401 13.26 -2.51 -10.61
C LYS A 401 14.23 -2.20 -9.47
N TYR A 402 15.36 -1.55 -9.81
CA TYR A 402 16.40 -1.27 -8.82
C TYR A 402 15.88 -0.26 -7.81
N VAL A 403 15.06 0.68 -8.30
CA VAL A 403 14.49 1.69 -7.41
C VAL A 403 13.59 0.99 -6.38
N GLU A 404 12.69 0.10 -6.85
CA GLU A 404 11.73 -0.55 -5.95
C GLU A 404 12.51 -1.45 -4.97
N ASP A 405 13.49 -2.23 -5.49
CA ASP A 405 14.27 -3.12 -4.63
C ASP A 405 15.01 -2.31 -3.54
N THR A 406 15.57 -1.17 -3.91
CA THR A 406 16.31 -0.32 -2.98
C THR A 406 15.36 0.15 -1.87
N LYS A 407 14.17 0.57 -2.28
CA LYS A 407 13.19 1.11 -1.34
C LYS A 407 12.74 0.03 -0.36
N ILE A 408 12.48 -1.17 -0.88
CA ILE A 408 12.00 -2.27 -0.05
C ILE A 408 13.04 -2.67 1.00
N ASP A 409 14.31 -2.72 0.59
CA ASP A 409 15.37 -3.07 1.52
C ASP A 409 15.50 -2.00 2.61
N LEU A 410 15.32 -0.72 2.24
CA LEU A 410 15.44 0.33 3.24
C LEU A 410 14.25 0.29 4.22
N TRP A 411 13.03 0.03 3.73
CA TRP A 411 11.88 -0.10 4.63
C TRP A 411 11.98 -1.39 5.47
N SER A 412 12.49 -2.49 4.89
CA SER A 412 12.62 -3.73 5.65
C SER A 412 13.61 -3.52 6.80
N TYR A 413 14.71 -2.80 6.52
CA TYR A 413 15.67 -2.41 7.54
C TYR A 413 14.99 -1.57 8.64
N ASN A 414 14.24 -0.54 8.23
CA ASN A 414 13.58 0.30 9.22
C ASN A 414 12.69 -0.53 10.14
N ALA A 415 11.95 -1.49 9.54
CA ALA A 415 10.99 -2.28 10.29
C ALA A 415 11.72 -3.15 11.30
N GLU A 416 12.82 -3.77 10.84
CA GLU A 416 13.62 -4.67 11.67
C GLU A 416 14.21 -3.90 12.84
N LEU A 417 14.79 -2.74 12.57
CA LEU A 417 15.41 -1.98 13.64
C LEU A 417 14.36 -1.42 14.59
N LEU A 418 13.24 -0.96 14.04
CA LEU A 418 12.20 -0.39 14.89
C LEU A 418 11.74 -1.43 15.92
N VAL A 419 11.46 -2.65 15.48
CA VAL A 419 10.87 -3.59 16.43
C VAL A 419 11.93 -4.03 17.45
N ALA A 420 13.20 -4.14 17.03
CA ALA A 420 14.23 -4.54 17.99
C ALA A 420 14.45 -3.47 19.06
N LEU A 421 14.48 -2.18 18.67
CA LEU A 421 14.69 -1.09 19.62
C LEU A 421 13.50 -1.01 20.57
N GLU A 422 12.29 -1.00 20.00
CA GLU A 422 11.04 -0.90 20.77
C GLU A 422 10.95 -2.05 21.78
N ASN A 423 11.30 -3.27 21.34
CA ASN A 423 11.19 -4.40 22.23
C ASN A 423 12.19 -4.32 23.38
N GLN A 424 13.42 -3.90 23.07
CA GLN A 424 14.44 -3.77 24.12
C GLN A 424 13.96 -2.75 25.13
N HIS A 425 13.41 -1.64 24.61
CA HIS A 425 12.88 -0.57 25.42
C HIS A 425 11.69 -1.05 26.26
N THR A 426 10.77 -1.84 25.67
CA THR A 426 9.61 -2.33 26.39
C THR A 426 10.01 -3.22 27.57
N ILE A 427 10.96 -4.12 27.35
CA ILE A 427 11.46 -4.99 28.41
C ILE A 427 12.09 -4.17 29.53
N ASP A 428 12.82 -3.11 29.14
CA ASP A 428 13.50 -2.24 30.10
C ASP A 428 12.52 -1.37 30.89
N LEU A 429 11.48 -0.83 30.21
CA LEU A 429 10.61 0.07 30.93
C LEU A 429 9.72 -0.74 31.90
N THR A 430 9.43 -1.99 31.55
CA THR A 430 8.62 -2.78 32.47
C THR A 430 9.45 -3.27 33.65
N ASP A 431 10.73 -3.54 33.40
CA ASP A 431 11.68 -3.88 34.46
C ASP A 431 11.80 -2.70 35.42
N SER A 432 11.96 -1.50 34.85
CA SER A 432 11.99 -0.26 35.61
C SER A 432 10.78 -0.12 36.55
N GLU A 433 9.56 -0.36 36.04
CA GLU A 433 8.37 -0.12 36.85
C GLU A 433 8.35 -1.08 38.04
N MET A 434 8.87 -2.29 37.85
CA MET A 434 8.99 -3.24 38.94
C MET A 434 9.93 -2.67 39.99
N ASN A 435 11.10 -2.19 39.54
CA ASN A 435 12.12 -1.63 40.39
C ASN A 435 11.57 -0.41 41.13
N LYS A 436 10.82 0.44 40.42
CA LYS A 436 10.35 1.68 41.04
C LYS A 436 9.39 1.35 42.19
N LEU A 437 8.54 0.35 41.99
CA LEU A 437 7.55 0.00 43.01
C LEU A 437 8.27 -0.57 44.23
N PHE A 438 9.25 -1.46 43.97
CA PHE A 438 10.10 -1.98 45.02
C PHE A 438 10.70 -0.85 45.87
N GLU A 439 11.32 0.15 45.22
CA GLU A 439 12.03 1.22 45.89
C GLU A 439 11.08 2.08 46.71
N LYS A 440 9.90 2.37 46.15
CA LYS A 440 8.88 3.17 46.82
C LYS A 440 8.44 2.44 48.09
N THR A 441 8.24 1.11 47.99
CA THR A 441 7.83 0.35 49.17
C THR A 441 8.90 0.43 50.28
N LYS A 442 10.14 0.15 49.88
CA LYS A 442 11.28 0.19 50.77
C LYS A 442 11.31 1.51 51.54
N LYS A 443 11.20 2.63 50.84
CA LYS A 443 11.27 3.93 51.50
C LYS A 443 10.10 4.11 52.48
N GLN A 444 8.94 3.52 52.18
CA GLN A 444 7.79 3.62 53.07
C GLN A 444 8.12 3.00 54.43
N LEU A 445 8.88 1.89 54.39
CA LEU A 445 9.09 1.05 55.58
C LEU A 445 10.14 1.64 56.50
N ARG A 446 11.00 2.52 55.97
CA ARG A 446 11.98 3.24 56.78
C ARG A 446 12.74 2.20 57.61
N GLU A 447 12.78 2.34 58.94
CA GLU A 447 13.61 1.48 59.77
C GLU A 447 12.87 0.22 60.23
N ASN A 448 11.65 -0.02 59.73
CA ASN A 448 10.76 -1.03 60.29
C ASN A 448 10.85 -2.36 59.56
N ALA A 449 11.71 -2.45 58.54
CA ALA A 449 11.78 -3.62 57.67
C ALA A 449 13.17 -3.70 57.04
N GLU A 450 13.54 -4.89 56.57
CA GLU A 450 14.83 -5.05 55.90
C GLU A 450 14.59 -5.80 54.59
N ASP A 451 15.40 -5.48 53.58
CA ASP A 451 15.33 -6.04 52.25
C ASP A 451 16.03 -7.40 52.26
N MET A 452 15.29 -8.46 51.94
CA MET A 452 15.88 -9.80 51.99
C MET A 452 16.71 -10.09 50.74
N GLY A 453 16.58 -9.26 49.69
CA GLY A 453 17.42 -9.40 48.51
C GLY A 453 16.72 -10.05 47.32
N ASN A 454 15.49 -10.54 47.55
CA ASN A 454 14.75 -11.31 46.56
C ASN A 454 13.40 -10.65 46.26
N GLY A 455 13.29 -9.35 46.51
CA GLY A 455 12.02 -8.65 46.35
C GLY A 455 11.17 -8.65 47.61
N CYS A 456 11.64 -9.32 48.69
CA CYS A 456 10.84 -9.45 49.89
C CYS A 456 11.43 -8.62 51.03
N PHE A 457 10.53 -7.97 51.77
CA PHE A 457 10.88 -7.26 52.98
C PHE A 457 10.51 -8.12 54.19
N LYS A 458 11.41 -8.18 55.16
CA LYS A 458 11.02 -8.69 56.46
C LYS A 458 10.60 -7.50 57.32
N ILE A 459 9.34 -7.52 57.77
CA ILE A 459 8.79 -6.44 58.61
C ILE A 459 8.88 -6.91 60.05
N TYR A 460 9.44 -6.06 60.92
CA TYR A 460 9.83 -6.52 62.24
C TYR A 460 8.83 -6.08 63.30
N HIS A 461 7.55 -6.11 62.95
CA HIS A 461 6.49 -5.73 63.86
C HIS A 461 5.21 -6.41 63.40
N LYS A 462 4.25 -6.52 64.31
CA LYS A 462 2.95 -7.06 63.99
C LYS A 462 2.35 -6.17 62.91
N CYS A 463 1.96 -6.77 61.79
CA CYS A 463 1.44 -6.01 60.68
C CYS A 463 0.23 -6.74 60.11
N ASP A 464 -0.97 -6.36 60.62
CA ASP A 464 -2.25 -6.92 60.23
C ASP A 464 -2.64 -6.44 58.83
N ASN A 465 -3.81 -6.88 58.37
CA ASN A 465 -4.24 -6.58 57.01
C ASN A 465 -4.39 -5.07 56.83
N ALA A 466 -4.99 -4.40 57.83
CA ALA A 466 -5.10 -2.96 57.78
C ALA A 466 -3.72 -2.32 57.55
N CYS A 467 -2.72 -2.90 58.22
CA CYS A 467 -1.33 -2.44 58.20
C CYS A 467 -0.76 -2.63 56.80
N ILE A 468 -0.87 -3.86 56.28
CA ILE A 468 -0.51 -4.15 54.89
C ILE A 468 -1.19 -3.18 53.93
N GLY A 469 -2.51 -3.06 53.99
CA GLY A 469 -3.24 -2.20 53.06
C GLY A 469 -2.82 -0.75 53.19
N SER A 470 -2.31 -0.36 54.37
CA SER A 470 -1.82 1.01 54.56
C SER A 470 -0.52 1.22 53.79
N ILE A 471 0.29 0.15 53.71
CA ILE A 471 1.46 0.10 52.85
C ILE A 471 1.05 0.20 51.38
N ARG A 472 0.13 -0.66 50.95
CA ARG A 472 -0.30 -0.73 49.55
C ARG A 472 -0.99 0.56 49.11
N ASN A 473 -1.53 1.33 50.06
CA ASN A 473 -2.21 2.54 49.65
C ASN A 473 -1.44 3.78 50.11
N GLU A 474 -0.21 3.57 50.61
CA GLU A 474 0.75 4.65 50.82
C GLU A 474 0.34 5.55 51.98
N THR A 475 -0.39 4.99 52.96
CA THR A 475 -0.77 5.75 54.15
C THR A 475 0.04 5.31 55.38
N TYR A 476 0.82 4.23 55.27
CA TYR A 476 1.51 3.60 56.38
C TYR A 476 2.35 4.63 57.14
N ASP A 477 2.16 4.68 58.47
CA ASP A 477 2.91 5.59 59.30
C ASP A 477 3.98 4.78 60.05
N HIS A 478 5.21 4.85 59.55
CA HIS A 478 6.30 4.07 60.09
C HIS A 478 6.52 4.39 61.58
N ASN A 479 6.22 5.63 61.97
CA ASN A 479 6.47 6.15 63.31
C ASN A 479 5.62 5.39 64.34
N VAL A 480 4.47 4.89 63.89
CA VAL A 480 3.53 4.15 64.72
C VAL A 480 4.22 2.90 65.26
N TYR A 481 5.08 2.29 64.44
CA TYR A 481 5.56 0.94 64.73
C TYR A 481 7.05 0.94 65.02
N ARG A 482 7.66 2.13 64.93
CA ARG A 482 9.11 2.21 64.90
C ARG A 482 9.71 1.57 66.15
N ASP A 483 9.22 1.98 67.33
CA ASP A 483 9.73 1.48 68.62
C ASP A 483 9.74 -0.03 68.62
N GLU A 484 8.61 -0.61 68.24
CA GLU A 484 8.43 -2.05 68.18
C GLU A 484 9.44 -2.67 67.21
N ALA A 485 9.56 -2.11 66.00
CA ALA A 485 10.39 -2.72 64.98
C ALA A 485 11.88 -2.63 65.36
N LEU A 486 12.32 -1.48 65.87
CA LEU A 486 13.72 -1.33 66.26
C LEU A 486 14.10 -2.32 67.35
N ASN A 487 13.21 -2.49 68.33
CA ASN A 487 13.37 -3.45 69.41
C ASN A 487 13.56 -4.85 68.83
N ASN A 488 12.71 -5.26 67.89
CA ASN A 488 12.81 -6.59 67.31
C ASN A 488 14.03 -6.72 66.40
N ARG A 489 14.35 -5.66 65.66
CA ARG A 489 15.43 -5.70 64.68
C ARG A 489 16.78 -5.79 65.37
N PHE A 490 16.99 -4.99 66.42
CA PHE A 490 18.35 -4.75 66.89
C PHE A 490 18.65 -5.45 68.21
N GLN A 491 18.02 -6.60 68.48
CA GLN A 491 18.30 -7.37 69.68
C GLN A 491 19.58 -8.19 69.51
N ILE A 492 20.11 -8.72 70.64
CA ILE A 492 21.15 -9.74 70.63
C ILE A 492 20.49 -11.11 70.88
C1 NAG B . -2.67 24.65 -43.60
C2 NAG B . -1.97 25.66 -44.50
C3 NAG B . -1.47 26.80 -43.62
C4 NAG B . -2.54 27.40 -42.70
C5 NAG B . -3.01 26.23 -41.87
C6 NAG B . -4.05 26.63 -40.82
C7 NAG B . -0.54 25.03 -46.41
C8 NAG B . 0.83 24.59 -46.80
N2 NAG B . -0.83 25.00 -45.10
O3 NAG B . -0.92 27.83 -44.42
O4 NAG B . -1.91 28.36 -41.86
O5 NAG B . -3.60 25.30 -42.76
O6 NAG B . -5.27 27.01 -41.45
O7 NAG B . -1.35 25.38 -47.25
C1 NAG B . -2.63 29.59 -41.83
C2 NAG B . -2.13 30.33 -40.59
C3 NAG B . -2.57 31.79 -40.59
C4 NAG B . -2.19 32.44 -41.93
C5 NAG B . -2.94 31.67 -42.99
C6 NAG B . -2.87 32.33 -44.36
C7 NAG B . -1.69 28.94 -38.56
C8 NAG B . -2.23 28.70 -37.18
N2 NAG B . -2.51 29.66 -39.35
O3 NAG B . -1.92 32.46 -39.52
O4 NAG B . -2.47 33.84 -42.02
O5 NAG B . -2.38 30.35 -43.02
O6 NAG B . -1.50 32.54 -44.65
O7 NAG B . -0.60 28.49 -38.92
C1 NAG C . 0.38 20.62 -46.12
C2 NAG C . 0.71 19.40 -46.99
C3 NAG C . 0.84 19.81 -48.44
C4 NAG C . -0.48 20.36 -48.98
C5 NAG C . -1.29 21.14 -47.94
C6 NAG C . -2.70 20.63 -48.12
C7 NAG C . 1.88 17.53 -45.88
C8 NAG C . 2.72 17.52 -44.64
N2 NAG C . 1.90 18.67 -46.57
O3 NAG C . 1.10 18.62 -49.16
O4 NAG C . -0.34 21.10 -50.21
O5 NAG C . -0.97 20.93 -46.55
O6 NAG C . -3.55 21.71 -48.54
O7 NAG C . 1.23 16.57 -46.20
C1 NAG D . -14.69 -12.47 -22.24
C2 NAG D . -16.22 -12.44 -22.25
C3 NAG D . -16.84 -13.82 -22.50
C4 NAG D . -16.17 -14.54 -23.67
C5 NAG D . -14.69 -14.58 -23.42
C6 NAG D . -13.99 -15.28 -24.57
C7 NAG D . -17.68 -10.84 -21.05
C8 NAG D . -18.44 -10.57 -19.78
N2 NAG D . -16.73 -11.80 -21.03
O3 NAG D . -18.23 -13.66 -22.83
O4 NAG D . -16.68 -15.88 -23.83
O5 NAG D . -14.20 -13.25 -23.34
O6 NAG D . -13.01 -16.11 -23.94
O7 NAG D . -17.92 -10.20 -22.07
C1 NAG E . 0.24 -12.09 -3.69
C2 NAG E . 0.87 -13.26 -2.92
C3 NAG E . 2.33 -13.53 -3.33
C4 NAG E . 2.47 -13.53 -4.84
C5 NAG E . 1.99 -12.16 -5.36
C6 NAG E . 2.19 -12.00 -6.87
C7 NAG E . -0.31 -13.59 -0.80
C8 NAG E . -0.45 -13.37 0.69
N2 NAG E . 0.73 -13.05 -1.47
O3 NAG E . 2.73 -14.81 -2.81
O4 NAG E . 3.77 -13.97 -5.30
O5 NAG E . 0.60 -12.02 -5.07
O6 NAG E . 1.33 -12.92 -7.53
O7 NAG E . -1.16 -14.24 -1.39
C1 NAG F . -1.88 -8.65 23.69
C2 NAG F . -3.23 -8.41 24.35
C3 NAG F . -4.28 -8.19 23.25
C4 NAG F . -3.88 -6.85 22.61
C5 NAG F . -2.56 -7.10 21.87
C6 NAG F . -2.12 -5.87 21.08
C7 NAG F . -3.59 -9.25 26.59
C8 NAG F . -3.14 -7.91 27.13
N2 NAG F . -3.62 -9.45 25.27
O3 NAG F . -5.57 -8.09 23.86
O4 NAG F . -4.89 -6.26 21.77
O5 NAG F . -1.55 -7.53 22.81
O6 NAG F . -2.27 -4.69 21.89
O7 NAG F . -3.91 -10.15 27.35
#